data_4DEG
#
_entry.id   4DEG
#
_cell.length_a   42.042
_cell.length_b   43.012
_cell.length_c   157.954
_cell.angle_alpha   90.000
_cell.angle_beta   90.000
_cell.angle_gamma   90.000
#
_symmetry.space_group_name_H-M   'P 21 21 21'
#
loop_
_entity.id
_entity.type
_entity.pdbx_description
1 polymer 'Hepatocyte growth factor receptor'
2 non-polymer 7-methoxy-N-{[6-(3-methyl-1,2-thiazol-5-yl)[1,2,4]triazolo[4,3-b]pyridazin-3-yl]methyl}-1,5-naphthyridin-4-amine
3 water water
#
_entity_poly.entity_id   1
_entity_poly.type   'polypeptide(L)'
_entity_poly.pdbx_seq_one_letter_code
;QNTVHIDLSALNPELVQAVQHVVIGPSSLIVHFNEVIGRGHFGCVYHGTLLDNDGKKIHCAVKSLNRITDIGEVSQFLTE
GIIMKDFSHPNVLSLLGICLRSEGSPLVVLPYMKHGDLRNFIRNETHNPTVKDLIGFGLQVAKGMKYLASKKFVHRDLAA
RNCMLDEKFTVKVADFGLARDMYDKEYYSVHNKTGAKLPVKWMALESLQTQKFTTKSDVWSFGVLLWELMTRGAPPYPDV
NTFDITVYLLQGRRLLQPEYCPDPLYEVMLKCWHPKAEMRPSFSELVSRISAIFSTFIGEHYVHHHHHH
;
_entity_poly.pdbx_strand_id   A
#
loop_
_chem_comp.id
_chem_comp.type
_chem_comp.name
_chem_comp.formula
0JJ non-polymer 7-methoxy-N-{[6-(3-methyl-1,2-thiazol-5-yl)[1,2,4]triazolo[4,3-b]pyridazin-3-yl]methyl}-1,5-naphthyridin-4-amine 'C19 H16 N8 O S'
#
# COMPACT_ATOMS: atom_id res chain seq x y z
N HIS A 5 -18.85 20.17 9.89
CA HIS A 5 -19.06 20.38 11.36
C HIS A 5 -18.71 19.11 12.13
N ILE A 6 -18.04 19.28 13.27
CA ILE A 6 -17.67 18.15 14.12
C ILE A 6 -18.73 17.89 15.19
N ASP A 7 -19.46 16.80 15.02
CA ASP A 7 -20.45 16.36 16.00
C ASP A 7 -19.78 15.37 16.97
N LEU A 8 -19.18 15.91 18.03
CA LEU A 8 -18.45 15.13 19.04
C LEU A 8 -19.32 14.10 19.75
N SER A 9 -20.61 14.40 19.87
CA SER A 9 -21.59 13.51 20.47
C SER A 9 -21.83 12.23 19.64
N ALA A 10 -21.73 12.36 18.32
CA ALA A 10 -21.96 11.24 17.40
C ALA A 10 -20.86 10.18 17.44
N LEU A 11 -19.68 10.57 17.92
CA LEU A 11 -18.55 9.65 17.98
C LEU A 11 -18.65 8.67 19.15
N ASN A 12 -17.98 7.54 18.99
CA ASN A 12 -17.67 6.65 20.10
C ASN A 12 -17.06 7.50 21.22
N PRO A 13 -17.69 7.52 22.40
CA PRO A 13 -17.21 8.35 23.53
C PRO A 13 -15.75 8.09 23.91
N GLU A 14 -15.26 6.88 23.60
CA GLU A 14 -13.87 6.50 23.84
C GLU A 14 -12.89 7.33 23.00
N LEU A 15 -13.37 7.85 21.86
CA LEU A 15 -12.51 8.50 20.87
C LEU A 15 -12.57 10.03 20.83
N VAL A 16 -13.41 10.62 21.68
CA VAL A 16 -13.61 12.08 21.70
C VAL A 16 -12.32 12.86 21.94
N GLN A 17 -11.52 12.41 22.92
CA GLN A 17 -10.25 13.05 23.27
C GLN A 17 -9.25 13.09 22.11
N ALA A 18 -9.33 12.10 21.23
CA ALA A 18 -8.37 11.93 20.13
C ALA A 18 -8.62 12.89 18.97
N VAL A 19 -9.80 13.48 18.92
CA VAL A 19 -10.17 14.42 17.86
C VAL A 19 -9.23 15.62 17.77
N GLN A 20 -8.90 16.19 18.94
CA GLN A 20 -7.99 17.34 19.01
C GLN A 20 -6.62 17.04 18.40
N HIS A 21 -6.24 15.77 18.38
CA HIS A 21 -4.92 15.35 17.89
C HIS A 21 -4.90 14.96 16.41
N VAL A 22 -6.08 14.83 15.79
CA VAL A 22 -6.15 14.48 14.37
C VAL A 22 -6.60 15.64 13.49
N VAL A 23 -7.32 16.60 14.08
CA VAL A 23 -7.85 17.74 13.32
C VAL A 23 -6.79 18.82 13.17
N ILE A 24 -6.52 19.20 11.92
CA ILE A 24 -5.60 20.29 11.60
C ILE A 24 -6.39 21.58 11.39
N GLY A 25 -6.04 22.60 12.17
CA GLY A 25 -6.63 23.94 12.01
C GLY A 25 -6.29 24.52 10.64
N PRO A 26 -7.29 25.08 9.94
CA PRO A 26 -7.13 25.59 8.57
C PRO A 26 -6.00 26.61 8.40
N SER A 27 -5.66 27.32 9.48
CA SER A 27 -4.60 28.33 9.45
C SER A 27 -3.20 27.73 9.63
N SER A 28 -3.13 26.43 9.84
CA SER A 28 -1.85 25.72 10.02
C SER A 28 -1.37 25.06 8.73
N LEU A 29 -2.21 25.06 7.71
CA LEU A 29 -1.91 24.36 6.45
C LEU A 29 -2.06 25.24 5.21
N ILE A 30 -0.97 25.36 4.45
CA ILE A 30 -1.01 26.00 3.13
C ILE A 30 -0.84 24.90 2.08
N VAL A 31 -1.86 24.75 1.24
CA VAL A 31 -1.80 23.74 0.17
C VAL A 31 -1.63 24.39 -1.20
N HIS A 32 -0.65 23.90 -1.95
CA HIS A 32 -0.29 24.47 -3.24
C HIS A 32 -1.06 23.83 -4.38
N PHE A 33 -2.27 24.32 -4.61
CA PHE A 33 -3.20 23.72 -5.56
C PHE A 33 -2.79 23.82 -7.03
N ASN A 34 -1.72 24.56 -7.32
CA ASN A 34 -1.28 24.77 -8.71
C ASN A 34 -0.60 23.57 -9.38
N GLU A 35 0.10 22.75 -8.59
CA GLU A 35 0.67 21.53 -9.16
C GLU A 35 0.24 20.23 -8.49
N VAL A 36 -0.41 19.38 -9.28
CA VAL A 36 -0.79 18.04 -8.88
C VAL A 36 0.46 17.17 -8.83
N ILE A 37 0.63 16.44 -7.73
CA ILE A 37 1.79 15.56 -7.58
C ILE A 37 1.41 14.07 -7.61
N GLY A 38 0.10 13.81 -7.57
CA GLY A 38 -0.42 12.46 -7.66
C GLY A 38 -1.88 12.47 -8.01
N ARG A 39 -2.33 11.44 -8.73
CA ARG A 39 -3.72 11.32 -9.15
C ARG A 39 -4.33 10.00 -8.71
N GLY A 40 -5.42 10.08 -7.95
CA GLY A 40 -6.20 8.91 -7.62
C GLY A 40 -7.61 9.06 -8.15
N HIS A 41 -8.34 7.94 -8.22
CA HIS A 41 -9.75 7.94 -8.61
C HIS A 41 -10.61 8.85 -7.72
N PHE A 42 -10.37 8.82 -6.40
CA PHE A 42 -11.13 9.62 -5.44
C PHE A 42 -10.68 11.09 -5.35
N GLY A 43 -9.50 11.40 -5.87
CA GLY A 43 -9.01 12.79 -5.88
C GLY A 43 -7.53 12.96 -6.17
N CYS A 44 -7.13 14.22 -6.38
CA CYS A 44 -5.75 14.60 -6.63
C CYS A 44 -5.00 14.86 -5.32
N VAL A 45 -3.66 14.86 -5.39
CA VAL A 45 -2.84 15.21 -4.24
C VAL A 45 -1.85 16.34 -4.59
N TYR A 46 -1.61 17.23 -3.63
CA TYR A 46 -0.82 18.44 -3.84
C TYR A 46 0.27 18.60 -2.78
N HIS A 47 1.28 19.43 -3.07
CA HIS A 47 2.24 19.88 -2.07
C HIS A 47 1.52 20.67 -1.00
N GLY A 48 1.96 20.51 0.24
CA GLY A 48 1.44 21.29 1.36
C GLY A 48 2.55 21.72 2.30
N THR A 49 2.29 22.75 3.08
CA THR A 49 3.23 23.20 4.11
C THR A 49 2.52 23.23 5.46
N LEU A 50 3.08 22.50 6.42
CA LEU A 50 2.52 22.38 7.76
C LEU A 50 3.56 22.71 8.82
N LYS A 57 7.51 24.54 10.14
CA LYS A 57 7.39 24.38 8.69
C LYS A 57 7.83 22.98 8.25
N ILE A 58 6.87 22.10 8.04
CA ILE A 58 7.17 20.76 7.51
C ILE A 58 6.48 20.54 6.16
N HIS A 59 7.15 19.80 5.28
CA HIS A 59 6.65 19.54 3.94
C HIS A 59 5.72 18.33 3.95
N CYS A 60 4.52 18.50 3.39
CA CYS A 60 3.52 17.43 3.40
C CYS A 60 2.82 17.23 2.05
N ALA A 61 2.11 16.12 1.94
CA ALA A 61 1.26 15.84 0.77
C ALA A 61 -0.20 15.92 1.19
N VAL A 62 -0.98 16.67 0.42
CA VAL A 62 -2.37 16.93 0.75
C VAL A 62 -3.27 16.27 -0.28
N LYS A 63 -4.06 15.31 0.17
CA LYS A 63 -4.96 14.59 -0.71
C LYS A 63 -6.39 15.08 -0.60
N SER A 64 -6.95 15.45 -1.75
CA SER A 64 -8.34 15.83 -1.88
C SER A 64 -9.20 14.59 -2.10
N LEU A 65 -10.45 14.66 -1.63
CA LEU A 65 -11.40 13.57 -1.82
C LEU A 65 -12.65 14.06 -2.56
N ASN A 66 -12.52 15.20 -3.25
CA ASN A 66 -13.66 15.87 -3.87
C ASN A 66 -14.17 15.22 -5.15
N ARG A 67 -13.44 14.23 -5.67
CA ARG A 67 -13.83 13.54 -6.89
C ARG A 67 -14.91 12.48 -6.64
N ILE A 68 -15.10 12.11 -5.37
CA ILE A 68 -16.20 11.24 -4.96
C ILE A 68 -17.46 12.09 -4.79
N THR A 69 -18.61 11.56 -5.23
CA THR A 69 -19.89 12.27 -5.11
C THR A 69 -20.19 12.61 -3.64
N ASP A 70 -19.92 11.66 -2.75
CA ASP A 70 -20.18 11.83 -1.33
C ASP A 70 -19.08 11.21 -0.47
N ILE A 71 -18.87 11.80 0.70
CA ILE A 71 -17.89 11.33 1.69
C ILE A 71 -18.41 10.18 2.56
N GLY A 72 -19.72 10.16 2.82
CA GLY A 72 -20.31 9.21 3.75
C GLY A 72 -20.48 9.84 5.13
N GLU A 73 -20.50 9.02 6.17
CA GLU A 73 -20.69 9.51 7.53
C GLU A 73 -19.42 10.19 8.05
N VAL A 74 -19.57 11.46 8.44
CA VAL A 74 -18.45 12.28 8.95
C VAL A 74 -17.84 11.66 10.20
N SER A 75 -18.70 11.12 11.06
CA SER A 75 -18.29 10.41 12.26
C SER A 75 -17.39 9.21 11.95
N GLN A 76 -17.74 8.47 10.89
CA GLN A 76 -16.93 7.33 10.45
C GLN A 76 -15.59 7.78 9.87
N PHE A 77 -15.61 8.85 9.10
CA PHE A 77 -14.41 9.45 8.52
C PHE A 77 -13.40 9.83 9.59
N LEU A 78 -13.87 10.48 10.66
CA LEU A 78 -13.00 10.85 11.78
C LEU A 78 -12.45 9.63 12.50
N THR A 79 -13.30 8.62 12.71
CA THR A 79 -12.93 7.37 13.35
C THR A 79 -11.78 6.71 12.58
N GLU A 80 -11.96 6.63 11.27
CA GLU A 80 -10.93 6.15 10.35
C GLU A 80 -9.62 6.90 10.55
N GLY A 81 -9.70 8.23 10.59
CA GLY A 81 -8.54 9.09 10.80
C GLY A 81 -7.87 8.83 12.14
N ILE A 82 -8.68 8.77 13.19
CA ILE A 82 -8.20 8.53 14.55
C ILE A 82 -7.47 7.18 14.66
N ILE A 83 -8.07 6.13 14.11
CA ILE A 83 -7.46 4.79 14.10
C ILE A 83 -6.12 4.82 13.35
N MET A 84 -6.12 5.46 12.19
CA MET A 84 -4.93 5.54 11.34
C MET A 84 -3.79 6.35 11.95
N LYS A 85 -4.13 7.39 12.71
CA LYS A 85 -3.12 8.26 13.30
C LYS A 85 -2.31 7.56 14.40
N ASP A 86 -2.96 6.61 15.08
CA ASP A 86 -2.32 5.83 16.14
C ASP A 86 -1.33 4.79 15.63
N PHE A 87 -1.42 4.47 14.33
CA PHE A 87 -0.43 3.61 13.67
C PHE A 87 0.89 4.36 13.56
N SER A 88 1.95 3.80 14.14
CA SER A 88 3.27 4.42 14.04
C SER A 88 4.40 3.41 13.84
N HIS A 89 4.93 3.37 12.62
CA HIS A 89 6.02 2.48 12.27
C HIS A 89 6.83 3.09 11.13
N PRO A 90 8.18 2.95 11.18
CA PRO A 90 9.01 3.57 10.15
C PRO A 90 8.77 3.06 8.73
N ASN A 91 8.09 1.93 8.58
CA ASN A 91 7.79 1.38 7.25
C ASN A 91 6.29 1.39 6.92
N VAL A 92 5.56 2.29 7.58
CA VAL A 92 4.14 2.48 7.37
C VAL A 92 3.89 3.99 7.25
N LEU A 93 3.20 4.41 6.19
CA LEU A 93 2.90 5.82 5.99
C LEU A 93 1.99 6.34 7.10
N SER A 94 2.39 7.42 7.75
CA SER A 94 1.58 7.97 8.84
C SER A 94 0.53 8.96 8.33
N LEU A 95 -0.44 9.27 9.17
CA LEU A 95 -1.37 10.36 8.90
C LEU A 95 -0.99 11.53 9.80
N LEU A 96 -0.77 12.69 9.19
CA LEU A 96 -0.47 13.91 9.93
C LEU A 96 -1.75 14.48 10.54
N GLY A 97 -2.82 14.44 9.75
CA GLY A 97 -4.14 14.84 10.21
C GLY A 97 -5.13 15.10 9.11
N ILE A 98 -6.30 15.62 9.49
CA ILE A 98 -7.35 15.99 8.55
C ILE A 98 -7.64 17.48 8.70
N CYS A 99 -7.73 18.18 7.57
CA CYS A 99 -8.08 19.59 7.55
C CYS A 99 -9.47 19.80 6.94
N LEU A 100 -10.33 20.50 7.68
CA LEU A 100 -11.70 20.74 7.27
C LEU A 100 -11.88 22.12 6.62
N ARG A 101 -11.76 22.16 5.30
CA ARG A 101 -11.91 23.41 4.53
C ARG A 101 -13.38 23.83 4.39
N SER A 105 -15.20 19.51 1.19
CA SER A 105 -14.68 18.16 1.43
C SER A 105 -13.35 18.19 2.19
N PRO A 106 -13.20 17.37 3.24
CA PRO A 106 -11.99 17.39 4.08
C PRO A 106 -10.72 16.97 3.33
N LEU A 107 -9.59 17.53 3.74
CA LEU A 107 -8.30 17.22 3.14
C LEU A 107 -7.50 16.25 4.01
N VAL A 108 -6.98 15.20 3.38
CA VAL A 108 -6.12 14.25 4.07
C VAL A 108 -4.67 14.75 4.01
N VAL A 109 -4.05 14.87 5.17
CA VAL A 109 -2.70 15.41 5.26
C VAL A 109 -1.68 14.33 5.63
N LEU A 110 -0.74 14.09 4.72
CA LEU A 110 0.19 12.97 4.84
C LEU A 110 1.64 13.48 4.72
N PRO A 111 2.59 12.79 5.40
CA PRO A 111 3.98 13.19 5.20
C PRO A 111 4.37 13.09 3.73
N TYR A 112 5.13 14.07 3.26
CA TYR A 112 5.56 14.11 1.87
C TYR A 112 6.60 13.03 1.59
N MET A 113 6.34 12.23 0.56
CA MET A 113 7.25 11.16 0.15
C MET A 113 7.99 11.57 -1.12
N LYS A 114 9.19 12.12 -0.94
CA LYS A 114 9.96 12.73 -2.02
C LYS A 114 10.12 11.88 -3.28
N HIS A 115 10.39 10.59 -3.11
CA HIS A 115 10.68 9.73 -4.25
C HIS A 115 9.48 8.94 -4.78
N GLY A 116 8.29 9.32 -4.33
CA GLY A 116 7.05 8.77 -4.86
C GLY A 116 6.83 7.28 -4.59
N ASP A 117 6.05 6.64 -5.45
CA ASP A 117 5.72 5.23 -5.26
C ASP A 117 6.86 4.30 -5.67
N LEU A 118 6.94 3.16 -4.98
CA LEU A 118 8.02 2.20 -5.16
C LEU A 118 8.15 1.68 -6.59
N ARG A 119 7.03 1.42 -7.26
CA ARG A 119 7.07 0.90 -8.62
C ARG A 119 7.73 1.86 -9.59
N ASN A 120 7.29 3.12 -9.59
CA ASN A 120 7.89 4.13 -10.43
C ASN A 120 9.37 4.37 -10.12
N PHE A 121 9.72 4.32 -8.83
CA PHE A 121 11.10 4.49 -8.40
C PHE A 121 12.05 3.42 -9.00
N ILE A 122 11.62 2.16 -8.96
CA ILE A 122 12.45 1.07 -9.49
C ILE A 122 12.45 0.98 -11.01
N ARG A 123 11.47 1.60 -11.65
CA ARG A 123 11.41 1.68 -13.11
C ARG A 123 12.20 2.87 -13.65
N ASN A 124 12.56 3.78 -12.76
CA ASN A 124 13.23 5.04 -13.11
C ASN A 124 14.70 4.84 -13.49
N GLU A 125 15.03 5.20 -14.74
CA GLU A 125 16.39 5.11 -15.27
C GLU A 125 17.41 6.02 -14.57
N THR A 126 16.93 6.94 -13.73
CA THR A 126 17.78 7.87 -12.98
C THR A 126 18.54 7.14 -11.87
N HIS A 127 17.82 6.35 -11.10
CA HIS A 127 18.42 5.63 -9.99
C HIS A 127 18.87 4.22 -10.35
N ASN A 128 19.83 3.71 -9.60
CA ASN A 128 20.46 2.43 -9.91
C ASN A 128 20.54 1.52 -8.69
N PRO A 129 19.38 1.04 -8.19
CA PRO A 129 19.44 0.18 -7.01
C PRO A 129 20.10 -1.16 -7.35
N THR A 130 20.95 -1.65 -6.45
CA THR A 130 21.55 -2.97 -6.58
C THR A 130 20.53 -4.04 -6.20
N VAL A 131 20.87 -5.31 -6.45
CA VAL A 131 20.05 -6.43 -6.02
C VAL A 131 19.82 -6.36 -4.49
N LYS A 132 20.88 -6.02 -3.76
CA LYS A 132 20.78 -5.87 -2.30
C LYS A 132 19.78 -4.77 -1.92
N ASP A 133 19.85 -3.62 -2.59
CA ASP A 133 18.90 -2.52 -2.36
C ASP A 133 17.47 -2.97 -2.56
N LEU A 134 17.24 -3.70 -3.67
CA LEU A 134 15.91 -4.18 -4.03
C LEU A 134 15.34 -5.16 -3.01
N ILE A 135 16.17 -6.10 -2.56
CA ILE A 135 15.79 -7.03 -1.48
C ILE A 135 15.49 -6.26 -0.19
N GLY A 136 16.31 -5.24 0.09
CA GLY A 136 16.10 -4.34 1.23
C GLY A 136 14.77 -3.61 1.19
N PHE A 137 14.37 -3.13 0.00
CA PHE A 137 13.05 -2.52 -0.17
C PHE A 137 11.97 -3.55 0.22
N GLY A 138 12.15 -4.78 -0.26
CA GLY A 138 11.26 -5.90 0.10
C GLY A 138 11.19 -6.15 1.60
N LEU A 139 12.35 -6.09 2.26
CA LEU A 139 12.46 -6.30 3.70
C LEU A 139 11.70 -5.21 4.47
N GLN A 140 11.85 -3.97 4.02
CA GLN A 140 11.16 -2.83 4.64
C GLN A 140 9.65 -2.98 4.52
N VAL A 141 9.17 -3.38 3.34
CA VAL A 141 7.75 -3.65 3.13
C VAL A 141 7.25 -4.74 4.08
N ALA A 142 7.99 -5.84 4.18
CA ALA A 142 7.69 -6.92 5.10
C ALA A 142 7.59 -6.47 6.57
N LYS A 143 8.47 -5.59 7.00
CA LYS A 143 8.43 -5.03 8.36
C LYS A 143 7.18 -4.17 8.57
N GLY A 144 6.84 -3.36 7.56
CA GLY A 144 5.61 -2.55 7.61
C GLY A 144 4.38 -3.42 7.74
N MET A 145 4.33 -4.49 6.93
CA MET A 145 3.22 -5.43 6.95
C MET A 145 3.16 -6.25 8.24
N LYS A 146 4.33 -6.60 8.78
CA LYS A 146 4.38 -7.25 10.09
C LYS A 146 3.69 -6.37 11.14
N TYR A 147 3.99 -5.07 11.12
CA TYR A 147 3.34 -4.12 12.04
C TYR A 147 1.84 -4.11 11.81
N LEU A 148 1.42 -3.95 10.56
CA LEU A 148 0.00 -3.84 10.22
C LEU A 148 -0.78 -5.09 10.60
N ALA A 149 -0.19 -6.25 10.34
CA ALA A 149 -0.81 -7.53 10.68
C ALA A 149 -0.94 -7.71 12.19
N SER A 150 0.04 -7.25 12.96
CA SER A 150 -0.04 -7.28 14.43
C SER A 150 -1.19 -6.42 14.99
N LYS A 151 -1.59 -5.42 14.21
CA LYS A 151 -2.75 -4.57 14.55
C LYS A 151 -4.06 -5.13 13.99
N LYS A 152 -3.99 -6.36 13.47
CA LYS A 152 -5.14 -7.04 12.82
C LYS A 152 -5.68 -6.28 11.61
N PHE A 153 -4.83 -5.49 10.97
CA PHE A 153 -5.23 -4.73 9.78
C PHE A 153 -4.88 -5.49 8.50
N VAL A 154 -5.90 -5.71 7.67
CA VAL A 154 -5.72 -6.29 6.33
C VAL A 154 -5.64 -5.16 5.32
N HIS A 155 -4.55 -5.13 4.55
CA HIS A 155 -4.34 -4.06 3.57
C HIS A 155 -5.28 -4.14 2.36
N ARG A 156 -5.41 -5.34 1.78
CA ARG A 156 -6.29 -5.60 0.61
C ARG A 156 -5.72 -5.21 -0.75
N ASP A 157 -4.74 -4.30 -0.77
CA ASP A 157 -4.20 -3.80 -2.04
C ASP A 157 -2.69 -3.55 -2.01
N LEU A 158 -1.96 -4.49 -1.43
CA LEU A 158 -0.51 -4.42 -1.40
C LEU A 158 0.07 -4.66 -2.80
N ALA A 159 0.86 -3.69 -3.26
CA ALA A 159 1.53 -3.72 -4.56
C ALA A 159 2.63 -2.66 -4.51
N ALA A 160 3.60 -2.75 -5.42
CA ALA A 160 4.68 -1.76 -5.44
C ALA A 160 4.19 -0.34 -5.72
N ARG A 161 3.14 -0.21 -6.54
CA ARG A 161 2.51 1.10 -6.83
C ARG A 161 1.95 1.76 -5.57
N ASN A 162 1.72 0.95 -4.54
CA ASN A 162 1.03 1.38 -3.34
C ASN A 162 1.92 1.55 -2.11
N CYS A 163 3.22 1.43 -2.33
CA CYS A 163 4.23 1.72 -1.32
C CYS A 163 5.00 2.95 -1.80
N MET A 164 5.55 3.71 -0.86
CA MET A 164 6.26 4.93 -1.23
C MET A 164 7.61 5.07 -0.52
N LEU A 165 8.49 5.91 -1.08
CA LEU A 165 9.81 6.19 -0.54
C LEU A 165 9.98 7.65 -0.14
N ASP A 166 10.55 7.89 1.03
CA ASP A 166 10.86 9.25 1.47
C ASP A 166 12.26 9.72 1.02
N GLU A 167 12.70 10.88 1.53
CA GLU A 167 13.97 11.49 1.11
C GLU A 167 15.21 10.64 1.40
N LYS A 168 15.09 9.76 2.40
CA LYS A 168 16.19 8.89 2.80
C LYS A 168 15.95 7.45 2.31
N PHE A 169 15.08 7.31 1.32
CA PHE A 169 14.77 6.02 0.68
C PHE A 169 14.19 4.98 1.63
N THR A 170 13.56 5.46 2.71
CA THR A 170 12.83 4.59 3.62
C THR A 170 11.51 4.22 2.94
N VAL A 171 11.28 2.92 2.75
CA VAL A 171 10.05 2.45 2.10
C VAL A 171 8.93 2.34 3.14
N LYS A 172 7.76 2.84 2.76
CA LYS A 172 6.60 2.81 3.63
C LYS A 172 5.38 2.23 2.93
N VAL A 173 4.73 1.29 3.60
CA VAL A 173 3.46 0.73 3.14
C VAL A 173 2.43 1.87 3.24
N ALA A 174 1.78 2.17 2.12
CA ALA A 174 0.87 3.31 2.05
C ALA A 174 -0.47 2.82 1.51
N ASP A 175 -1.23 3.73 0.90
CA ASP A 175 -2.49 3.39 0.26
C ASP A 175 -3.42 2.63 1.20
N PHE A 176 -3.59 3.13 2.42
CA PHE A 176 -4.55 2.53 3.35
C PHE A 176 -5.23 3.63 4.17
N GLY A 177 -6.34 3.28 4.81
CA GLY A 177 -7.13 4.23 5.58
C GLY A 177 -7.67 5.33 4.69
N LEU A 178 -7.45 6.59 5.09
CA LEU A 178 -7.93 7.73 4.32
C LEU A 178 -7.08 8.00 3.07
N ALA A 179 -5.92 7.35 2.98
CA ALA A 179 -5.08 7.44 1.79
C ALA A 179 -5.43 6.40 0.71
N ARG A 180 -6.36 5.50 1.02
CA ARG A 180 -6.78 4.45 0.10
C ARG A 180 -7.42 4.99 -1.19
N ASP A 181 -6.91 4.53 -2.33
CA ASP A 181 -7.43 4.92 -3.65
C ASP A 181 -6.94 3.92 -4.70
N MET A 182 -7.37 4.14 -5.93
CA MET A 182 -6.76 3.49 -7.08
C MET A 182 -5.84 4.50 -7.75
N TYR A 183 -4.54 4.34 -7.56
CA TYR A 183 -3.56 5.30 -8.06
C TYR A 183 -3.03 4.94 -9.45
N ASP A 184 -3.31 3.72 -9.90
CA ASP A 184 -3.03 3.32 -11.29
C ASP A 184 -4.18 2.46 -11.81
N LYS A 185 -5.12 3.13 -12.48
CA LYS A 185 -6.39 2.53 -12.94
C LYS A 185 -6.23 1.24 -13.76
N GLU A 186 -5.13 1.14 -14.50
CA GLU A 186 -4.91 0.00 -15.40
C GLU A 186 -5.01 -1.36 -14.72
N TYR A 187 -4.61 -1.44 -13.45
CA TYR A 187 -4.49 -2.75 -12.78
C TYR A 187 -5.69 -3.16 -11.93
N TYR A 188 -6.83 -2.55 -12.20
CA TYR A 188 -8.07 -2.85 -11.49
C TYR A 188 -9.18 -3.25 -12.46
N SER A 189 -9.76 -4.43 -12.24
CA SER A 189 -10.81 -4.97 -13.12
C SER A 189 -12.15 -5.03 -12.41
N VAL A 190 -13.22 -4.78 -13.17
CA VAL A 190 -14.58 -4.79 -12.63
C VAL A 190 -15.12 -6.20 -12.54
N HIS A 191 -15.57 -6.60 -11.35
CA HIS A 191 -16.19 -7.90 -11.16
C HIS A 191 -17.62 -7.93 -11.72
N ASN A 192 -18.02 -9.09 -12.24
CA ASN A 192 -19.32 -9.25 -12.90
C ASN A 192 -20.51 -9.16 -11.94
N LYS A 193 -20.42 -9.90 -10.84
CA LYS A 193 -21.52 -10.02 -9.88
C LYS A 193 -21.56 -8.85 -8.88
N THR A 194 -20.41 -8.50 -8.31
CA THR A 194 -20.36 -7.48 -7.26
C THR A 194 -20.16 -6.06 -7.77
N GLY A 195 -19.43 -5.92 -8.89
CA GLY A 195 -19.10 -4.61 -9.43
C GLY A 195 -17.82 -4.02 -8.89
N ALA A 196 -17.27 -4.64 -7.85
CA ALA A 196 -16.03 -4.18 -7.21
C ALA A 196 -14.85 -4.17 -8.18
N LYS A 197 -14.00 -3.15 -8.05
CA LYS A 197 -12.82 -2.99 -8.89
C LYS A 197 -11.60 -3.57 -8.18
N LEU A 198 -11.11 -4.70 -8.71
CA LEU A 198 -10.18 -5.57 -8.00
C LEU A 198 -8.79 -5.62 -8.64
N PRO A 199 -7.73 -5.64 -7.81
CA PRO A 199 -6.35 -5.76 -8.32
C PRO A 199 -6.02 -7.23 -8.59
N VAL A 200 -6.71 -7.83 -9.56
CA VAL A 200 -6.73 -9.29 -9.76
C VAL A 200 -5.35 -9.96 -9.87
N LYS A 201 -4.40 -9.29 -10.49
CA LYS A 201 -3.07 -9.86 -10.69
C LYS A 201 -2.21 -9.87 -9.40
N TRP A 202 -2.72 -9.23 -8.35
CA TRP A 202 -2.09 -9.25 -7.03
C TRP A 202 -2.84 -10.12 -6.02
N MET A 203 -3.98 -10.65 -6.41
CA MET A 203 -4.86 -11.33 -5.48
C MET A 203 -4.61 -12.83 -5.35
N ALA A 204 -4.81 -13.33 -4.14
CA ALA A 204 -4.73 -14.76 -3.84
C ALA A 204 -5.88 -15.51 -4.51
N LEU A 205 -5.63 -16.77 -4.85
CA LEU A 205 -6.64 -17.63 -5.49
C LEU A 205 -7.98 -17.62 -4.80
N GLU A 206 -7.98 -17.72 -3.47
CA GLU A 206 -9.21 -17.79 -2.69
C GLU A 206 -9.97 -16.46 -2.70
N SER A 207 -9.24 -15.35 -2.75
CA SER A 207 -9.82 -14.01 -2.84
C SER A 207 -10.50 -13.75 -4.19
N LEU A 208 -9.91 -14.31 -5.25
CA LEU A 208 -10.51 -14.19 -6.58
C LEU A 208 -11.83 -14.96 -6.61
N GLN A 209 -11.88 -16.03 -5.85
CA GLN A 209 -13.06 -16.90 -5.79
C GLN A 209 -14.13 -16.36 -4.83
N THR A 210 -13.71 -15.81 -3.71
CA THR A 210 -14.66 -15.39 -2.65
C THR A 210 -14.80 -13.88 -2.45
N GLN A 211 -13.82 -13.11 -2.93
CA GLN A 211 -13.68 -11.68 -2.61
C GLN A 211 -13.50 -11.37 -1.11
N LYS A 212 -13.07 -12.38 -0.36
CA LYS A 212 -12.68 -12.18 1.04
C LYS A 212 -11.17 -11.97 1.10
N PHE A 213 -10.74 -10.92 1.79
CA PHE A 213 -9.32 -10.59 1.93
C PHE A 213 -8.87 -10.85 3.35
N THR A 214 -7.69 -11.46 3.50
CA THR A 214 -7.11 -11.77 4.81
C THR A 214 -5.65 -11.33 4.84
N THR A 215 -5.04 -11.39 6.03
CA THR A 215 -3.59 -11.19 6.13
C THR A 215 -2.83 -12.20 5.25
N LYS A 216 -3.36 -13.41 5.13
CA LYS A 216 -2.73 -14.44 4.30
C LYS A 216 -2.86 -14.13 2.81
N SER A 217 -3.92 -13.44 2.40
CA SER A 217 -3.99 -12.94 1.03
C SER A 217 -3.09 -11.71 0.81
N ASP A 218 -2.87 -10.92 1.85
CA ASP A 218 -1.82 -9.88 1.83
C ASP A 218 -0.44 -10.50 1.59
N VAL A 219 -0.19 -11.67 2.21
CA VAL A 219 1.08 -12.40 2.01
C VAL A 219 1.27 -12.82 0.55
N TRP A 220 0.20 -13.31 -0.08
CA TRP A 220 0.22 -13.59 -1.53
C TRP A 220 0.59 -12.35 -2.34
N SER A 221 -0.05 -11.21 -2.03
CA SER A 221 0.23 -9.94 -2.70
C SER A 221 1.68 -9.54 -2.52
N PHE A 222 2.20 -9.76 -1.32
CA PHE A 222 3.60 -9.47 -1.02
C PHE A 222 4.56 -10.26 -1.91
N GLY A 223 4.25 -11.53 -2.15
CA GLY A 223 5.04 -12.35 -3.08
C GLY A 223 5.12 -11.72 -4.47
N VAL A 224 3.99 -11.21 -4.94
CA VAL A 224 3.95 -10.53 -6.24
C VAL A 224 4.78 -9.25 -6.19
N LEU A 225 4.67 -8.53 -5.07
CA LEU A 225 5.49 -7.33 -4.84
C LEU A 225 6.99 -7.64 -4.90
N LEU A 226 7.42 -8.74 -4.29
CA LEU A 226 8.83 -9.16 -4.37
C LEU A 226 9.26 -9.39 -5.82
N TRP A 227 8.37 -10.00 -6.60
CA TRP A 227 8.61 -10.25 -8.02
C TRP A 227 8.74 -8.94 -8.80
N GLU A 228 7.92 -7.96 -8.44
CA GLU A 228 7.99 -6.63 -9.04
C GLU A 228 9.35 -5.99 -8.78
N LEU A 229 9.84 -6.10 -7.55
CA LEU A 229 11.13 -5.54 -7.17
C LEU A 229 12.28 -6.16 -7.96
N MET A 230 12.25 -7.49 -8.10
CA MET A 230 13.34 -8.22 -8.73
C MET A 230 13.36 -8.10 -10.26
N THR A 231 12.24 -7.67 -10.84
CA THR A 231 12.15 -7.37 -12.27
C THR A 231 12.24 -5.87 -12.53
N ARG A 232 12.52 -5.11 -11.47
CA ARG A 232 12.49 -3.65 -11.48
C ARG A 232 11.21 -3.06 -12.08
N GLY A 233 10.07 -3.60 -11.65
CA GLY A 233 8.77 -3.00 -11.96
C GLY A 233 8.09 -3.51 -13.20
N ALA A 234 8.43 -4.72 -13.65
CA ALA A 234 7.73 -5.36 -14.76
C ALA A 234 6.26 -5.65 -14.39
N PRO A 235 5.34 -5.54 -15.36
CA PRO A 235 3.96 -5.94 -15.11
C PRO A 235 3.81 -7.46 -14.99
N PRO A 236 3.12 -7.94 -13.94
CA PRO A 236 2.96 -9.38 -13.78
C PRO A 236 1.91 -9.94 -14.75
N TYR A 237 2.17 -11.15 -15.25
CA TYR A 237 1.26 -11.87 -16.18
C TYR A 237 0.76 -10.99 -17.34
N PRO A 238 1.68 -10.47 -18.17
CA PRO A 238 1.27 -9.54 -19.22
C PRO A 238 0.42 -10.20 -20.31
N ASP A 239 0.60 -11.50 -20.51
CA ASP A 239 -0.11 -12.23 -21.55
C ASP A 239 -1.36 -12.94 -21.02
N VAL A 240 -1.81 -12.48 -19.84
CA VAL A 240 -3.07 -12.93 -19.26
C VAL A 240 -4.03 -11.74 -19.25
N ASN A 241 -5.30 -12.00 -19.54
CA ASN A 241 -6.34 -10.98 -19.55
C ASN A 241 -7.25 -11.03 -18.32
N THR A 242 -7.10 -10.04 -17.45
CA THR A 242 -7.97 -9.79 -16.29
C THR A 242 -8.35 -11.06 -15.49
N PHE A 243 -9.62 -11.42 -15.50
CA PHE A 243 -10.16 -12.50 -14.66
C PHE A 243 -9.80 -13.93 -15.10
N ASP A 244 -9.23 -14.07 -16.30
CA ASP A 244 -8.68 -15.35 -16.77
C ASP A 244 -7.45 -15.74 -15.94
N ILE A 245 -7.07 -14.90 -14.97
CA ILE A 245 -5.93 -15.18 -14.09
C ILE A 245 -6.15 -16.43 -13.24
N THR A 246 -7.40 -16.64 -12.80
CA THR A 246 -7.77 -17.82 -12.01
C THR A 246 -7.52 -19.11 -12.80
N VAL A 247 -7.99 -19.13 -14.05
CA VAL A 247 -7.76 -20.27 -14.96
C VAL A 247 -6.25 -20.50 -15.15
N TYR A 248 -5.52 -19.42 -15.43
CA TYR A 248 -4.08 -19.45 -15.60
C TYR A 248 -3.35 -20.05 -14.38
N LEU A 249 -3.70 -19.57 -13.19
CA LEU A 249 -3.06 -20.05 -11.96
C LEU A 249 -3.38 -21.52 -11.72
N LEU A 250 -4.65 -21.87 -11.90
CA LEU A 250 -5.14 -23.23 -11.67
C LEU A 250 -4.58 -24.27 -12.66
N GLN A 251 -3.99 -23.81 -13.75
CA GLN A 251 -3.28 -24.70 -14.69
C GLN A 251 -2.00 -25.25 -14.05
N GLY A 252 -1.59 -24.63 -12.94
CA GLY A 252 -0.41 -25.05 -12.18
C GLY A 252 0.76 -24.11 -12.43
N ARG A 253 0.46 -22.82 -12.47
CA ARG A 253 1.43 -21.80 -12.90
C ARG A 253 1.71 -20.76 -11.82
N ARG A 254 2.93 -20.24 -11.83
CA ARG A 254 3.32 -19.10 -10.99
C ARG A 254 4.20 -18.18 -11.83
N LEU A 255 4.35 -16.93 -11.39
CA LEU A 255 5.32 -16.01 -11.98
C LEU A 255 6.70 -16.66 -11.97
N LEU A 256 7.44 -16.48 -13.06
CA LEU A 256 8.75 -17.09 -13.26
C LEU A 256 9.81 -16.36 -12.44
N GLN A 257 10.91 -17.04 -12.15
CA GLN A 257 12.00 -16.46 -11.39
C GLN A 257 12.73 -15.41 -12.22
N PRO A 258 12.73 -14.14 -11.75
CA PRO A 258 13.48 -13.09 -12.44
C PRO A 258 14.97 -13.42 -12.44
N GLU A 259 15.68 -12.95 -13.46
CA GLU A 259 17.09 -13.31 -13.66
C GLU A 259 17.97 -13.04 -12.44
N TYR A 260 17.76 -11.89 -11.78
CA TYR A 260 18.64 -11.51 -10.68
C TYR A 260 18.06 -11.82 -9.30
N CYS A 261 16.93 -12.52 -9.28
CA CYS A 261 16.34 -12.99 -8.04
C CYS A 261 17.10 -14.21 -7.51
N PRO A 262 17.68 -14.11 -6.29
CA PRO A 262 18.36 -15.26 -5.68
C PRO A 262 17.39 -16.42 -5.50
N ASP A 263 17.88 -17.64 -5.63
CA ASP A 263 17.07 -18.85 -5.49
C ASP A 263 16.24 -18.89 -4.20
N PRO A 264 16.87 -18.61 -3.03
CA PRO A 264 16.08 -18.64 -1.80
C PRO A 264 14.97 -17.57 -1.76
N LEU A 265 15.17 -16.44 -2.44
CA LEU A 265 14.12 -15.41 -2.53
C LEU A 265 12.95 -15.89 -3.39
N TYR A 266 13.25 -16.65 -4.45
CA TYR A 266 12.20 -17.24 -5.26
C TYR A 266 11.42 -18.29 -4.47
N GLU A 267 12.13 -19.07 -3.66
CA GLU A 267 11.49 -20.02 -2.75
C GLU A 267 10.53 -19.32 -1.78
N VAL A 268 10.92 -18.15 -1.29
CA VAL A 268 10.05 -17.31 -0.44
C VAL A 268 8.78 -16.90 -1.22
N MET A 269 8.95 -16.43 -2.46
CA MET A 269 7.83 -16.07 -3.33
C MET A 269 6.85 -17.26 -3.50
N LEU A 270 7.40 -18.45 -3.73
CA LEU A 270 6.56 -19.65 -3.90
C LEU A 270 5.77 -19.99 -2.64
N LYS A 271 6.39 -19.78 -1.49
CA LYS A 271 5.73 -19.97 -0.20
C LYS A 271 4.59 -18.98 -0.01
N CYS A 272 4.82 -17.73 -0.43
CA CYS A 272 3.79 -16.68 -0.38
C CYS A 272 2.59 -17.03 -1.26
N TRP A 273 2.83 -17.81 -2.32
CA TRP A 273 1.77 -18.24 -3.25
C TRP A 273 1.28 -19.68 -3.01
N HIS A 274 1.49 -20.19 -1.79
CA HIS A 274 0.99 -21.51 -1.41
C HIS A 274 -0.52 -21.58 -1.68
N PRO A 275 -0.99 -22.70 -2.27
CA PRO A 275 -2.40 -22.88 -2.56
C PRO A 275 -3.27 -22.84 -1.29
N LYS A 276 -2.71 -23.28 -0.16
CA LYS A 276 -3.40 -23.23 1.13
C LYS A 276 -2.99 -21.97 1.88
N ALA A 277 -3.94 -21.05 2.04
CA ALA A 277 -3.69 -19.76 2.70
C ALA A 277 -2.98 -19.88 4.04
N GLU A 278 -3.43 -20.84 4.86
CA GLU A 278 -2.89 -21.02 6.21
C GLU A 278 -1.46 -21.56 6.22
N MET A 279 -0.98 -22.06 5.08
CA MET A 279 0.39 -22.57 4.94
C MET A 279 1.40 -21.51 4.51
N ARG A 280 0.91 -20.34 4.10
CA ARG A 280 1.80 -19.25 3.70
C ARG A 280 2.51 -18.71 4.94
N PRO A 281 3.75 -18.21 4.78
CA PRO A 281 4.49 -17.65 5.91
C PRO A 281 3.82 -16.38 6.46
N SER A 282 3.93 -16.21 7.78
CA SER A 282 3.51 -14.96 8.43
C SER A 282 4.45 -13.87 7.97
N PHE A 283 4.07 -12.61 8.16
CA PHE A 283 4.98 -11.52 7.86
C PHE A 283 6.22 -11.52 8.76
N SER A 284 6.09 -11.98 9.99
CA SER A 284 7.25 -12.17 10.88
C SER A 284 8.27 -13.16 10.29
N GLU A 285 7.79 -14.30 9.77
CA GLU A 285 8.65 -15.28 9.10
C GLU A 285 9.30 -14.69 7.85
N LEU A 286 8.55 -13.90 7.09
CA LEU A 286 9.09 -13.23 5.91
C LEU A 286 10.20 -12.24 6.27
N VAL A 287 10.01 -11.50 7.37
CA VAL A 287 11.05 -10.59 7.85
C VAL A 287 12.33 -11.35 8.18
N SER A 288 12.19 -12.45 8.91
CA SER A 288 13.34 -13.28 9.29
C SER A 288 14.06 -13.87 8.08
N ARG A 289 13.31 -14.53 7.20
CA ARG A 289 13.87 -15.17 6.01
C ARG A 289 14.54 -14.20 5.05
N ILE A 290 13.91 -13.06 4.83
CA ILE A 290 14.43 -12.06 3.90
C ILE A 290 15.63 -11.31 4.50
N SER A 291 15.63 -11.10 5.82
CA SER A 291 16.76 -10.44 6.47
C SER A 291 18.03 -11.30 6.33
N ALA A 292 17.85 -12.62 6.45
CA ALA A 292 18.93 -13.60 6.21
C ALA A 292 19.49 -13.47 4.79
N ILE A 293 18.61 -13.54 3.79
CA ILE A 293 19.02 -13.44 2.37
C ILE A 293 19.72 -12.11 2.09
N PHE A 294 19.13 -11.02 2.59
CA PHE A 294 19.70 -9.67 2.48
C PHE A 294 21.15 -9.61 3.00
N SER A 295 21.39 -10.23 4.15
CA SER A 295 22.71 -10.20 4.81
C SER A 295 23.82 -10.88 4.00
N THR A 296 23.45 -11.75 3.07
CA THR A 296 24.44 -12.48 2.27
C THR A 296 25.06 -11.64 1.16
N PHE A 297 24.43 -10.51 0.83
CA PHE A 297 24.89 -9.63 -0.23
C PHE A 297 25.78 -8.50 0.28
N ILE A 298 26.66 -8.04 -0.61
CA ILE A 298 27.50 -6.87 -0.38
C ILE A 298 27.12 -5.80 -1.41
N GLY A 299 27.07 -4.54 -0.98
CA GLY A 299 26.86 -3.41 -1.88
C GLY A 299 25.41 -2.97 -2.02
C7 0JJ B . 1.45 5.87 -9.06
C5 0JJ B . 1.09 6.67 -7.80
C6 0JJ B . 0.92 6.08 -6.60
N2 0JJ B . 0.94 7.99 -7.84
S1 0JJ B . 0.56 8.48 -6.30
C4 0JJ B . 0.61 6.94 -5.61
C3 0JJ B . 0.35 6.69 -4.27
C1 0JJ B . 0.50 5.41 -3.74
C2 0JJ B . 0.21 5.20 -2.40
N1 0JJ B . -0.09 7.70 -3.49
N3 0JJ B . -0.36 7.54 -2.29
C8 0JJ B . -0.24 6.30 -1.66
N4 0JJ B . -0.59 6.47 -0.39
N5 0JJ B . -0.92 7.64 -0.16
C9 0JJ B . -0.80 8.38 -1.27
C10 0JJ B . -1.10 9.86 -1.47
N6 0JJ B . -0.03 10.51 -2.26
C11 0JJ B . 1.15 10.89 -1.74
C12 0JJ B . 1.43 10.80 -0.38
C13 0JJ B . 2.68 11.21 0.09
N7 0JJ B . 3.60 11.68 -0.74
C15 0JJ B . 3.36 11.79 -2.06
C16 0JJ B . 4.35 12.29 -2.91
C14 0JJ B . 2.14 11.39 -2.58
N8 0JJ B . 1.90 11.49 -3.90
C18 0JJ B . 2.82 11.96 -4.74
C17 0JJ B . 4.07 12.38 -4.28
O1 0JJ B . 4.96 12.86 -5.21
C19 0JJ B . 6.35 12.87 -4.84
#